data_2OG0
#
_entry.id   2OG0
#
_cell.length_a   57.483
_cell.length_b   57.483
_cell.length_c   163.613
_cell.angle_alpha   90.000
_cell.angle_beta   90.000
_cell.angle_gamma   120.000
#
_symmetry.space_group_name_H-M   'H 3'
#
loop_
_entity.id
_entity.type
_entity.pdbx_description
1 polymer "5'-D(*GP*TP*AP*TP*TP*AP*TP*GP*TP*AP*GP*TP*CP*TP*GP*TP*TP*T)-3'"
2 polymer "5'-D(*AP*AP*AP*CP*AP*GP*AP*CP*TP*AP*CP*AP*TP*AP*AP*TP*AP*C)-3'"
3 polymer Excisionase
4 water water
#
loop_
_entity_poly.entity_id
_entity_poly.type
_entity_poly.pdbx_seq_one_letter_code
_entity_poly.pdbx_strand_id
1 'polydeoxyribonucleotide' (DG)(DT)(DA)(DT)(DT)(DA)(DT)(DG)(DT)(DA)(DG)(DT)(DC)(DT)(DG)(DT)(DT)(DT) C
2 'polydeoxyribonucleotide' (DA)(DA)(DA)(DC)(DA)(DG)(DA)(DC)(DT)(DA)(DC)(DA)(DT)(DA)(DA)(DT)(DA)(DC) D
3 'polypeptide(L)' MYLTLQEWNARQRRPRSLETVRRWVRESRIFPPPVKDGREYLFHESAVKVDL A,B
#
loop_
_chem_comp.id
_chem_comp.type
_chem_comp.name
_chem_comp.formula
DA DNA linking 2'-DEOXYADENOSINE-5'-MONOPHOSPHATE 'C10 H14 N5 O6 P'
DC DNA linking 2'-DEOXYCYTIDINE-5'-MONOPHOSPHATE 'C9 H14 N3 O7 P'
DG DNA linking 2'-DEOXYGUANOSINE-5'-MONOPHOSPHATE 'C10 H14 N5 O7 P'
DT DNA linking THYMIDINE-5'-MONOPHOSPHATE 'C10 H15 N2 O8 P'
#
# COMPACT_ATOMS: atom_id res chain seq x y z
N MET C 1 16.12 -17.84 -12.13
CA MET C 1 14.83 -17.94 -12.85
C MET C 1 14.05 -16.63 -12.80
N TYR C 2 13.45 -16.28 -13.92
CA TYR C 2 12.65 -15.07 -14.00
C TYR C 2 11.17 -15.37 -13.66
N LEU C 3 10.46 -14.34 -13.17
CA LEU C 3 9.01 -14.42 -12.89
C LEU C 3 8.23 -13.63 -13.96
N THR C 4 6.99 -14.06 -14.24
CA THR C 4 6.11 -13.26 -15.08
C THR C 4 5.61 -12.02 -14.31
N LEU C 5 5.17 -11.03 -15.07
CA LEU C 5 4.56 -9.84 -14.49
C LEU C 5 3.40 -10.24 -13.55
N GLN C 6 2.51 -11.14 -13.97
CA GLN C 6 1.43 -11.65 -13.08
C GLN C 6 1.99 -12.37 -11.84
N GLU C 7 3.01 -13.18 -12.02
CA GLU C 7 3.60 -13.93 -10.91
C GLU C 7 4.27 -12.99 -9.89
N TRP C 8 5.04 -12.04 -10.43
CA TRP C 8 5.66 -11.02 -9.62
C TRP C 8 4.61 -10.22 -8.86
N ASN C 9 3.59 -9.72 -9.58
CA ASN C 9 2.54 -8.88 -9.00
C ASN C 9 1.73 -9.56 -7.86
N ALA C 10 1.43 -10.84 -8.04
CA ALA C 10 0.73 -11.64 -7.02
C ALA C 10 1.57 -11.79 -5.74
N ARG C 11 2.89 -11.69 -5.87
CA ARG C 11 3.81 -11.82 -4.73
C ARG C 11 4.10 -10.51 -3.97
N GLN C 12 3.65 -9.37 -4.49
CA GLN C 12 3.85 -8.09 -3.78
C GLN C 12 2.80 -7.91 -2.68
N ARG C 13 3.09 -7.01 -1.73
CA ARG C 13 2.22 -6.81 -0.57
C ARG C 13 0.85 -6.24 -0.94
N ARG C 14 0.78 -5.53 -2.07
CA ARG C 14 -0.50 -5.06 -2.64
C ARG C 14 -0.50 -5.24 -4.17
N PRO C 15 -0.93 -6.42 -4.66
CA PRO C 15 -1.02 -6.60 -6.12
C PRO C 15 -1.93 -5.53 -6.74
N ARG C 16 -1.48 -4.98 -7.87
CA ARG C 16 -2.26 -3.96 -8.58
C ARG C 16 -2.82 -4.53 -9.88
N SER C 17 -3.58 -3.72 -10.59
CA SER C 17 -4.04 -4.08 -11.92
C SER C 17 -2.80 -4.32 -12.79
N LEU C 18 -2.90 -5.18 -13.79
CA LEU C 18 -1.78 -5.35 -14.76
C LEU C 18 -1.40 -4.04 -15.44
N GLU C 19 -2.42 -3.26 -15.80
CA GLU C 19 -2.23 -1.97 -16.46
C GLU C 19 -1.22 -1.09 -15.71
N THR C 20 -1.42 -1.02 -14.40
CA THR C 20 -0.59 -0.21 -13.48
C THR C 20 0.83 -0.78 -13.36
N VAL C 21 0.98 -2.11 -13.26
CA VAL C 21 2.31 -2.69 -13.18
C VAL C 21 3.08 -2.44 -14.44
N ARG C 22 2.42 -2.62 -15.59
CA ARG C 22 3.03 -2.34 -16.89
C ARG C 22 3.50 -0.91 -17.00
N ARG C 23 2.67 0.03 -16.52
CA ARG C 23 3.03 1.45 -16.50
C ARG C 23 4.31 1.67 -15.64
N TRP C 24 4.36 1.07 -14.45
CA TRP C 24 5.59 1.10 -13.60
C TRP C 24 6.84 0.62 -14.33
N VAL C 25 6.69 -0.46 -15.07
CA VAL C 25 7.80 -0.97 -15.88
C VAL C 25 8.21 0.04 -16.98
N ARG C 26 7.22 0.58 -17.71
CA ARG C 26 7.39 1.65 -18.74
C ARG C 26 8.07 2.91 -18.18
N GLU C 27 7.79 3.20 -16.91
CA GLU C 27 8.38 4.34 -16.21
C GLU C 27 9.65 4.03 -15.38
N SER C 28 10.22 2.84 -15.58
CA SER C 28 11.47 2.41 -14.97
C SER C 28 11.44 2.54 -13.45
N ARG C 29 10.33 2.13 -12.86
CA ARG C 29 10.16 2.19 -11.41
C ARG C 29 10.62 0.89 -10.75
N ILE C 30 10.91 -0.12 -11.57
CA ILE C 30 11.19 -1.47 -11.06
C ILE C 30 12.67 -1.82 -11.23
N PHE C 31 13.29 -2.27 -10.14
CA PHE C 31 14.72 -2.61 -10.15
C PHE C 31 15.03 -3.99 -9.53
N PRO C 32 15.83 -4.84 -10.25
CA PRO C 32 16.30 -4.65 -11.65
C PRO C 32 15.14 -4.57 -12.65
N PRO C 33 15.31 -3.76 -13.72
CA PRO C 33 14.23 -3.67 -14.71
C PRO C 33 13.95 -4.99 -15.42
N PRO C 34 12.67 -5.34 -15.58
CA PRO C 34 12.29 -6.56 -16.26
C PRO C 34 12.86 -6.65 -17.67
N VAL C 35 13.20 -7.86 -18.09
CA VAL C 35 13.61 -8.13 -19.48
C VAL C 35 12.35 -8.39 -20.33
N LYS C 36 12.25 -7.72 -21.48
CA LYS C 36 11.21 -8.09 -22.44
C LYS C 36 11.69 -9.29 -23.27
N ASP C 37 10.97 -10.38 -23.13
CA ASP C 37 11.36 -11.60 -23.77
C ASP C 37 10.17 -11.97 -24.60
N GLY C 38 10.25 -11.75 -25.90
CA GLY C 38 9.13 -11.97 -26.80
C GLY C 38 8.01 -11.00 -26.39
N ARG C 39 6.87 -11.56 -25.99
CA ARG C 39 5.70 -10.74 -25.66
C ARG C 39 5.49 -10.49 -24.16
N GLU C 40 6.31 -11.13 -23.33
CA GLU C 40 6.16 -10.98 -21.89
C GLU C 40 7.34 -10.32 -21.22
N TYR C 41 7.04 -9.61 -20.14
CA TYR C 41 8.04 -9.16 -19.22
C TYR C 41 8.48 -10.27 -18.29
N LEU C 42 9.79 -10.36 -18.07
CA LEU C 42 10.36 -11.31 -17.11
C LEU C 42 11.09 -10.56 -15.96
N PHE C 43 10.61 -10.80 -14.75
CA PHE C 43 11.07 -10.14 -13.53
C PHE C 43 12.04 -11.02 -12.75
N HIS C 44 13.12 -10.42 -12.28
CA HIS C 44 13.94 -11.08 -11.28
C HIS C 44 13.13 -11.27 -10.02
N GLU C 45 13.40 -12.35 -9.33
CA GLU C 45 12.69 -12.63 -8.07
C GLU C 45 12.87 -11.48 -7.06
N SER C 46 14.10 -10.94 -6.99
CA SER C 46 14.43 -9.81 -6.10
C SER C 46 13.92 -8.42 -6.57
N ALA C 47 13.36 -8.32 -7.79
CA ALA C 47 12.88 -7.03 -8.35
C ALA C 47 11.86 -6.36 -7.38
N VAL C 48 12.11 -5.09 -7.06
CA VAL C 48 11.23 -4.30 -6.20
C VAL C 48 10.85 -3.02 -6.96
N LYS C 49 9.76 -2.39 -6.56
CA LYS C 49 9.38 -1.09 -7.11
C LYS C 49 10.02 -0.09 -6.17
N VAL C 50 10.78 0.83 -6.73
CA VAL C 50 11.32 1.93 -5.95
C VAL C 50 10.33 3.09 -5.99
N ASP C 51 10.13 3.69 -4.83
CA ASP C 51 9.25 4.85 -4.69
C ASP C 51 9.99 6.06 -5.22
N MET D 1 -2.12 0.54 24.41
CA MET D 1 -3.06 1.65 24.80
C MET D 1 -3.64 2.33 23.55
N TYR D 2 -4.69 3.14 23.71
CA TYR D 2 -5.18 4.00 22.64
C TYR D 2 -4.08 4.90 22.12
N LEU D 3 -4.07 5.09 20.80
CA LEU D 3 -3.30 6.08 20.10
C LEU D 3 -4.16 7.24 19.66
N THR D 4 -3.53 8.41 19.53
CA THR D 4 -4.09 9.58 18.88
C THR D 4 -4.08 9.32 17.37
N LEU D 5 -4.84 10.10 16.64
CA LEU D 5 -4.90 9.94 15.21
C LEU D 5 -3.48 10.14 14.62
N GLN D 6 -2.79 11.19 15.06
CA GLN D 6 -1.41 11.47 14.52
C GLN D 6 -0.39 10.33 14.91
N GLU D 7 -0.52 9.78 16.12
CA GLU D 7 0.35 8.72 16.63
C GLU D 7 0.14 7.39 15.85
N TRP D 8 -1.11 7.02 15.62
CA TRP D 8 -1.45 5.89 14.72
C TRP D 8 -0.93 6.11 13.27
N ASN D 9 -1.20 7.28 12.71
CA ASN D 9 -0.66 7.66 11.39
C ASN D 9 0.88 7.48 11.28
N ALA D 10 1.62 7.92 12.31
CA ALA D 10 3.09 7.88 12.34
C ALA D 10 3.66 6.45 12.39
N ARG D 11 2.85 5.45 12.75
CA ARG D 11 3.25 4.05 12.78
C ARG D 11 2.91 3.25 11.53
N GLN D 12 2.21 3.86 10.57
CA GLN D 12 1.79 3.14 9.36
C GLN D 12 2.87 3.13 8.32
N ARG D 13 2.74 2.21 7.37
CA ARG D 13 3.78 1.99 6.37
C ARG D 13 4.02 3.30 5.53
N ARG D 14 2.94 4.04 5.34
CA ARG D 14 2.95 5.28 4.58
C ARG D 14 2.10 6.31 5.31
N PRO D 15 2.71 7.06 6.26
CA PRO D 15 1.91 8.12 6.85
C PRO D 15 1.34 9.11 5.82
N ARG D 16 0.12 9.55 6.06
CA ARG D 16 -0.55 10.54 5.22
C ARG D 16 -0.78 11.87 5.98
N SER D 17 -1.34 12.84 5.28
CA SER D 17 -1.85 14.08 5.91
C SER D 17 -2.89 13.71 6.95
N LEU D 18 -2.99 14.50 8.03
CA LEU D 18 -4.02 14.18 9.03
C LEU D 18 -5.45 14.25 8.41
N GLU D 19 -5.67 15.18 7.46
CA GLU D 19 -6.99 15.25 6.83
C GLU D 19 -7.33 13.95 6.10
N THR D 20 -6.35 13.33 5.47
CA THR D 20 -6.53 12.03 4.81
C THR D 20 -7.00 10.95 5.79
N VAL D 21 -6.30 10.81 6.93
CA VAL D 21 -6.65 9.86 8.00
C VAL D 21 -8.09 10.11 8.49
N ARG D 22 -8.42 11.38 8.71
CA ARG D 22 -9.75 11.72 9.13
C ARG D 22 -10.79 11.27 8.11
N ARG D 23 -10.52 11.50 6.83
CA ARG D 23 -11.39 10.99 5.73
C ARG D 23 -11.54 9.46 5.74
N TRP D 24 -10.47 8.73 5.94
CA TRP D 24 -10.58 7.28 6.15
C TRP D 24 -11.60 6.92 7.26
N VAL D 25 -11.50 7.58 8.41
CA VAL D 25 -12.44 7.40 9.51
C VAL D 25 -13.92 7.70 9.09
N ARG D 26 -14.15 8.88 8.47
CA ARG D 26 -15.50 9.24 7.93
C ARG D 26 -16.04 8.20 6.95
N GLU D 27 -15.14 7.63 6.16
CA GLU D 27 -15.46 6.61 5.15
C GLU D 27 -15.40 5.15 5.66
N SER D 28 -15.22 4.97 6.96
CA SER D 28 -15.32 3.62 7.60
C SER D 28 -14.22 2.68 7.07
N ARG D 29 -13.03 3.24 6.87
CA ARG D 29 -11.88 2.53 6.31
C ARG D 29 -10.96 2.04 7.48
N ILE D 30 -11.28 2.41 8.71
CA ILE D 30 -10.46 2.02 9.84
C ILE D 30 -11.22 0.95 10.66
N PHE D 31 -10.56 -0.17 10.89
CA PHE D 31 -11.07 -1.20 11.80
C PHE D 31 -10.13 -1.50 13.01
N PRO D 32 -10.63 -1.37 14.25
CA PRO D 32 -11.98 -0.99 14.59
C PRO D 32 -12.17 0.53 14.45
N PRO D 33 -13.42 0.96 14.26
CA PRO D 33 -13.67 2.42 14.10
C PRO D 33 -13.19 3.19 15.32
N PRO D 34 -12.34 4.21 15.12
CA PRO D 34 -11.90 4.98 16.27
C PRO D 34 -13.04 5.62 17.05
N VAL D 35 -12.86 5.76 18.37
CA VAL D 35 -13.89 6.37 19.21
C VAL D 35 -13.58 7.88 19.28
N LYS D 36 -14.59 8.72 19.25
CA LYS D 36 -14.29 10.11 19.46
C LYS D 36 -14.56 10.40 20.95
N ASP D 37 -13.45 10.52 21.64
CA ASP D 37 -13.46 10.92 23.00
C ASP D 37 -13.39 12.43 22.94
N GLY D 38 -14.52 13.06 23.24
CA GLY D 38 -14.66 14.48 23.25
C GLY D 38 -14.29 15.07 21.91
N ARG D 39 -13.14 15.73 21.85
CA ARG D 39 -12.78 16.39 20.61
C ARG D 39 -11.84 15.58 19.74
N GLU D 40 -11.26 14.49 20.23
CA GLU D 40 -10.28 13.80 19.44
C GLU D 40 -10.57 12.32 19.27
N TYR D 41 -10.10 11.78 18.15
CA TYR D 41 -10.22 10.34 17.91
C TYR D 41 -9.15 9.61 18.72
N LEU D 42 -9.58 8.49 19.29
CA LEU D 42 -8.70 7.50 19.84
C LEU D 42 -8.77 6.20 19.01
N PHE D 43 -7.61 5.84 18.51
CA PHE D 43 -7.38 4.61 17.73
C PHE D 43 -6.89 3.44 18.60
N HIS D 44 -7.43 2.23 18.41
CA HIS D 44 -6.82 1.08 19.05
C HIS D 44 -5.45 0.93 18.46
N GLU D 45 -4.51 0.57 19.32
CA GLU D 45 -3.15 0.35 18.87
C GLU D 45 -3.13 -0.63 17.69
N SER D 46 -4.05 -1.61 17.68
CA SER D 46 -4.06 -2.66 16.62
C SER D 46 -4.99 -2.32 15.43
N ALA D 47 -5.47 -1.07 15.37
CA ALA D 47 -6.33 -0.63 14.27
C ALA D 47 -5.58 -0.67 12.94
N VAL D 48 -6.31 -1.14 11.95
CA VAL D 48 -5.82 -1.26 10.60
C VAL D 48 -6.77 -0.54 9.62
N LYS D 49 -6.23 -0.22 8.46
CA LYS D 49 -6.97 0.39 7.36
C LYS D 49 -7.46 -0.74 6.49
N VAL D 50 -8.74 -0.70 6.09
CA VAL D 50 -9.36 -1.78 5.34
C VAL D 50 -9.90 -1.22 4.02
N ASP D 51 -10.01 -2.10 3.01
CA ASP D 51 -10.63 -1.73 1.72
C ASP D 51 -12.08 -2.27 1.63
N LEU D 52 -13.02 -1.36 1.39
CA LEU D 52 -14.47 -1.60 1.46
C LEU D 52 -15.11 -1.82 0.07
#